data_7RXI
#
_entry.id   7RXI
#
_cell.length_a   115.690
_cell.length_b   115.690
_cell.length_c   119.297
_cell.angle_alpha   90.00
_cell.angle_beta   90.00
_cell.angle_gamma   90.00
#
_symmetry.space_group_name_H-M   'P 41 21 2'
#
loop_
_entity.id
_entity.type
_entity.pdbx_description
1 polymer 'Fab234 light chain'
2 polymer 'Fab234 heavy chain'
3 polymer 'Circumsporozoite protein'
4 water water
#
loop_
_entity_poly.entity_id
_entity_poly.type
_entity_poly.pdbx_seq_one_letter_code
_entity_poly.pdbx_strand_id
1 'polypeptide(L)'
;SYVLTQPPSVSVAPGKTARITCGGNNIGSKSVHWHQQRPGQAPVLVVYDDKIRPSGIPERFSGSNSGNTATLIISRVEAG
DEADYYCQVWHSSSDPVVFGGGTKLTVLGQPKAAPSVTLFPPSSEELQANKATLVCLVSDFYPGAVTVAWKADGSPVKVG
VETTKPSKQSNNKYAASSYLSLTPEQWKSHRSYSCRVTHEGSTVEKTVAPAECS
;
L
2 'polypeptide(L)'
;EVQLVESGGGLVKPGGSLRLSCAASGFNFSTHIMNWVRQAPGKGLEWVSSISSSGTYIYYADSMKGRFTISRDNPKNSLY
LQMNSLRAEDTAVYYCARARGFIQFHYYMDVWGKGTTVAVSSASTKGPSVFPLAPSSKSTSGGTAALGCLVKDYFPEPVT
VSWNSGALTSGVHTFPAVLQSSGLYSLSSVVTVPSSSLGTQTYICNVNHKPSNTKVDKKVEPKSC
;
H
3 'polypeptide(L)' EPSDKHIKEYLNKIQNSLSTEWSPCSVTCGNGIQVRIKPGSANKPKDELDYANDIEKKICKMEKCS A
#
# COMPACT_ATOMS: atom_id res chain seq x y z
N SER A 1 5.83 -21.81 1.21
CA SER A 1 6.49 -21.67 -0.08
C SER A 1 5.46 -21.73 -1.21
N TYR A 2 4.19 -21.76 -0.85
CA TYR A 2 3.13 -21.71 -1.84
C TYR A 2 3.00 -20.29 -2.41
N VAL A 3 2.98 -20.18 -3.74
CA VAL A 3 3.04 -18.91 -4.45
C VAL A 3 1.71 -18.67 -5.17
N LEU A 4 1.16 -17.48 -4.97
CA LEU A 4 0.01 -16.98 -5.71
C LEU A 4 0.49 -15.88 -6.65
N THR A 5 0.16 -15.99 -7.94
CA THR A 5 0.67 -15.13 -8.99
C THR A 5 -0.46 -14.26 -9.56
N GLN A 6 -0.27 -12.97 -9.51
CA GLN A 6 -1.17 -11.97 -10.07
C GLN A 6 -0.41 -11.06 -11.02
N PRO A 7 -1.03 -10.61 -12.11
CA PRO A 7 -0.44 -9.53 -12.92
C PRO A 7 -0.33 -8.22 -12.15
N PRO A 8 0.81 -7.53 -12.24
CA PRO A 8 0.97 -6.31 -11.42
C PRO A 8 -0.08 -5.25 -11.72
N SER A 9 -0.59 -5.21 -12.95
CA SER A 9 -1.41 -4.07 -13.33
C SER A 9 -2.41 -4.44 -14.41
N VAL A 10 -3.63 -3.96 -14.24
CA VAL A 10 -4.70 -4.07 -15.23
C VAL A 10 -5.36 -2.70 -15.30
N SER A 11 -5.44 -2.13 -16.48
CA SER A 11 -6.25 -0.93 -16.71
C SER A 11 -7.46 -1.30 -17.55
N VAL A 12 -8.56 -0.57 -17.31
CA VAL A 12 -9.86 -0.83 -17.91
C VAL A 12 -10.62 0.47 -18.01
N ALA A 13 -11.47 0.58 -19.02
CA ALA A 13 -12.28 1.77 -19.22
C ALA A 13 -13.59 1.62 -18.43
N PRO A 14 -14.17 2.73 -17.98
CA PRO A 14 -15.43 2.64 -17.20
C PRO A 14 -16.54 1.96 -17.98
N GLY A 15 -17.35 1.18 -17.26
CA GLY A 15 -18.43 0.42 -17.87
C GLY A 15 -18.03 -0.95 -18.38
N LYS A 16 -16.73 -1.19 -18.58
CA LYS A 16 -16.31 -2.47 -19.14
C LYS A 16 -16.06 -3.47 -18.00
N THR A 17 -15.77 -4.71 -18.33
CA THR A 17 -15.44 -5.70 -17.31
C THR A 17 -13.94 -5.70 -16.98
N ALA A 18 -13.63 -5.54 -15.70
CA ALA A 18 -12.30 -5.76 -15.14
C ALA A 18 -12.14 -7.22 -14.73
N ARG A 19 -11.08 -7.86 -15.19
CA ARG A 19 -10.83 -9.22 -14.78
C ARG A 19 -9.43 -9.31 -14.21
N ILE A 20 -9.33 -9.85 -13.00
CA ILE A 20 -8.07 -9.97 -12.28
C ILE A 20 -7.82 -11.46 -12.01
N THR A 21 -6.72 -12.00 -12.54
CA THR A 21 -6.43 -13.42 -12.36
C THR A 21 -5.44 -13.66 -11.23
N CYS A 22 -5.55 -14.85 -10.66
CA CYS A 22 -4.73 -15.31 -9.54
C CYS A 22 -4.37 -16.77 -9.82
N GLY A 23 -3.11 -17.04 -10.14
CA GLY A 23 -2.66 -18.37 -10.52
C GLY A 23 -2.01 -19.04 -9.29
N GLY A 24 -2.33 -20.30 -9.13
CA GLY A 24 -1.66 -21.10 -8.12
C GLY A 24 -1.84 -22.61 -8.41
N ASN A 25 -0.85 -23.37 -7.98
N ASN A 25 -0.85 -23.37 -7.97
CA ASN A 25 -0.92 -24.83 -8.15
CA ASN A 25 -0.93 -24.83 -8.14
C ASN A 25 -2.16 -25.39 -7.44
C ASN A 25 -2.16 -25.39 -7.44
N ASN A 26 -3.06 -26.01 -8.20
CA ASN A 26 -4.28 -26.60 -7.68
C ASN A 26 -5.10 -25.57 -6.89
N ILE A 27 -5.03 -24.31 -7.29
CA ILE A 27 -5.80 -23.30 -6.58
C ILE A 27 -7.27 -23.65 -6.60
N GLY A 28 -7.73 -24.46 -7.58
CA GLY A 28 -9.15 -24.85 -7.65
C GLY A 28 -9.59 -25.69 -6.47
N SER A 29 -8.66 -26.36 -5.85
CA SER A 29 -8.89 -27.16 -4.67
C SER A 29 -8.82 -26.33 -3.38
N LYS A 30 -8.69 -25.00 -3.47
CA LYS A 30 -8.56 -24.13 -2.31
C LYS A 30 -9.67 -23.08 -2.36
N SER A 31 -10.01 -22.58 -1.20
CA SER A 31 -10.95 -21.47 -1.17
C SER A 31 -10.16 -20.18 -1.41
N VAL A 32 -10.66 -19.33 -2.29
CA VAL A 32 -10.00 -18.07 -2.64
C VAL A 32 -10.86 -16.89 -2.14
N HIS A 33 -10.20 -15.95 -1.50
CA HIS A 33 -10.80 -14.73 -1.00
C HIS A 33 -10.11 -13.55 -1.64
N TRP A 34 -10.86 -12.49 -1.82
CA TRP A 34 -10.36 -11.32 -2.51
C TRP A 34 -10.56 -10.08 -1.65
N HIS A 35 -9.49 -9.33 -1.47
CA HIS A 35 -9.48 -8.11 -0.69
C HIS A 35 -9.16 -6.93 -1.59
N GLN A 36 -9.92 -5.87 -1.43
CA GLN A 36 -9.75 -4.64 -2.17
C GLN A 36 -9.10 -3.59 -1.27
N GLN A 37 -8.06 -2.95 -1.76
CA GLN A 37 -7.40 -1.93 -1.06
C GLN A 37 -7.44 -0.67 -1.89
N ARG A 38 -8.49 0.13 -1.73
CA ARG A 38 -8.55 1.45 -2.35
C ARG A 38 -7.50 2.35 -1.70
N PRO A 39 -6.89 3.25 -2.47
CA PRO A 39 -5.73 3.98 -1.94
C PRO A 39 -6.11 4.87 -0.76
N GLY A 40 -5.37 4.72 0.34
CA GLY A 40 -5.63 5.45 1.57
C GLY A 40 -6.62 4.81 2.53
N GLN A 41 -7.50 3.93 2.08
CA GLN A 41 -8.58 3.43 2.91
C GLN A 41 -8.28 2.03 3.43
N ALA A 42 -9.12 1.60 4.37
CA ALA A 42 -9.00 0.24 4.90
C ALA A 42 -9.27 -0.78 3.79
N PRO A 43 -8.56 -1.89 3.74
CA PRO A 43 -8.95 -2.95 2.80
C PRO A 43 -10.37 -3.39 3.08
N VAL A 44 -11.05 -3.84 2.03
CA VAL A 44 -12.39 -4.40 2.10
C VAL A 44 -12.40 -5.80 1.47
N LEU A 45 -12.98 -6.78 2.18
CA LEU A 45 -13.28 -8.08 1.57
C LEU A 45 -14.40 -7.97 0.53
N VAL A 46 -14.09 -8.26 -0.75
CA VAL A 46 -15.13 -8.17 -1.77
C VAL A 46 -15.74 -9.53 -2.13
N VAL A 47 -14.95 -10.60 -1.99
CA VAL A 47 -15.40 -11.95 -2.28
C VAL A 47 -14.63 -12.92 -1.39
N TYR A 48 -15.35 -13.89 -0.83
CA TYR A 48 -14.70 -14.98 -0.11
C TYR A 48 -15.25 -16.33 -0.56
N ASP A 49 -14.53 -17.40 -0.26
CA ASP A 49 -14.92 -18.75 -0.70
C ASP A 49 -15.22 -18.75 -2.19
N ASP A 50 -14.26 -18.24 -2.95
CA ASP A 50 -14.27 -18.23 -4.39
C ASP A 50 -15.25 -17.27 -5.01
N LYS A 51 -16.48 -17.21 -4.48
CA LYS A 51 -17.49 -16.52 -5.25
C LYS A 51 -18.61 -15.91 -4.42
N ILE A 52 -18.49 -15.83 -3.10
CA ILE A 52 -19.55 -15.33 -2.24
C ILE A 52 -19.26 -13.87 -1.87
N ARG A 53 -20.23 -12.99 -2.18
CA ARG A 53 -20.15 -11.60 -1.77
C ARG A 53 -20.64 -11.43 -0.34
N PRO A 54 -19.85 -10.82 0.56
CA PRO A 54 -20.43 -10.43 1.87
C PRO A 54 -21.52 -9.41 1.68
N SER A 55 -22.38 -9.31 2.68
CA SER A 55 -23.44 -8.30 2.61
C SER A 55 -22.83 -6.92 2.49
N GLY A 56 -23.38 -6.11 1.59
CA GLY A 56 -22.91 -4.77 1.30
C GLY A 56 -22.08 -4.62 0.04
N ILE A 57 -21.59 -5.71 -0.54
CA ILE A 57 -20.73 -5.60 -1.71
C ILE A 57 -21.65 -5.61 -2.93
N PRO A 58 -21.46 -4.69 -3.88
CA PRO A 58 -22.34 -4.69 -5.08
C PRO A 58 -22.30 -6.00 -5.85
N GLU A 59 -23.43 -6.29 -6.53
CA GLU A 59 -23.58 -7.56 -7.23
C GLU A 59 -22.69 -7.64 -8.45
N ARG A 60 -22.19 -6.52 -8.94
CA ARG A 60 -21.24 -6.52 -10.06
C ARG A 60 -19.89 -7.16 -9.73
N PHE A 61 -19.62 -7.50 -8.46
CA PHE A 61 -18.40 -8.20 -8.09
C PHE A 61 -18.69 -9.70 -8.09
N SER A 62 -17.89 -10.48 -8.81
CA SER A 62 -18.07 -11.91 -8.84
C SER A 62 -16.70 -12.57 -8.90
N GLY A 63 -16.65 -13.82 -8.46
CA GLY A 63 -15.44 -14.59 -8.51
C GLY A 63 -15.65 -15.94 -9.16
N SER A 64 -14.53 -16.49 -9.67
CA SER A 64 -14.44 -17.84 -10.22
C SER A 64 -13.15 -18.50 -9.73
N ASN A 65 -13.19 -19.83 -9.64
CA ASN A 65 -12.02 -20.60 -9.25
C ASN A 65 -12.15 -21.99 -9.87
N SER A 66 -11.15 -22.41 -10.62
CA SER A 66 -11.09 -23.75 -11.16
C SER A 66 -9.64 -24.00 -11.54
N GLY A 67 -9.22 -25.26 -11.46
CA GLY A 67 -7.93 -25.68 -11.98
C GLY A 67 -6.81 -24.96 -11.29
N ASN A 68 -6.03 -24.17 -12.04
CA ASN A 68 -4.92 -23.43 -11.47
C ASN A 68 -5.13 -21.92 -11.53
N THR A 69 -6.34 -21.45 -11.82
CA THR A 69 -6.55 -20.02 -12.06
C THR A 69 -7.89 -19.63 -11.46
N ALA A 70 -7.84 -18.67 -10.54
CA ALA A 70 -9.02 -18.00 -10.03
C ALA A 70 -9.06 -16.60 -10.61
N THR A 71 -10.26 -16.05 -10.70
CA THR A 71 -10.48 -14.75 -11.33
C THR A 71 -11.47 -13.93 -10.51
N LEU A 72 -11.19 -12.65 -10.36
CA LEU A 72 -12.11 -11.67 -9.79
C LEU A 72 -12.70 -10.90 -10.98
N ILE A 73 -14.02 -10.90 -11.12
CA ILE A 73 -14.64 -10.23 -12.27
C ILE A 73 -15.48 -9.07 -11.72
N ILE A 74 -15.25 -7.86 -12.21
CA ILE A 74 -15.96 -6.66 -11.79
C ILE A 74 -16.65 -6.13 -13.02
N SER A 75 -17.92 -6.43 -13.17
CA SER A 75 -18.72 -5.90 -14.26
C SER A 75 -19.00 -4.41 -14.07
N ARG A 76 -19.28 -3.76 -15.20
CA ARG A 76 -19.74 -2.36 -15.18
C ARG A 76 -18.86 -1.54 -14.24
N VAL A 77 -17.55 -1.64 -14.43
CA VAL A 77 -16.64 -1.13 -13.42
C VAL A 77 -16.80 0.39 -13.24
N GLU A 78 -16.60 0.87 -12.03
CA GLU A 78 -16.72 2.29 -11.73
C GLU A 78 -15.38 2.85 -11.31
N ALA A 79 -15.22 4.16 -11.47
CA ALA A 79 -14.00 4.80 -11.03
C ALA A 79 -13.64 4.44 -9.60
N GLY A 80 -14.62 4.27 -8.72
CA GLY A 80 -14.38 3.89 -7.34
C GLY A 80 -13.84 2.47 -7.13
N ASP A 81 -13.90 1.64 -8.16
CA ASP A 81 -13.31 0.31 -8.06
C ASP A 81 -11.80 0.34 -8.22
N GLU A 82 -11.25 1.49 -8.57
CA GLU A 82 -9.81 1.62 -8.72
C GLU A 82 -9.16 1.27 -7.40
N ALA A 83 -8.29 0.25 -7.39
CA ALA A 83 -7.78 -0.26 -6.13
C ALA A 83 -6.69 -1.28 -6.43
N ASP A 84 -6.02 -1.71 -5.37
CA ASP A 84 -5.11 -2.86 -5.38
C ASP A 84 -5.90 -4.07 -4.87
N TYR A 85 -6.01 -5.11 -5.69
CA TYR A 85 -6.78 -6.29 -5.34
C TYR A 85 -5.86 -7.45 -5.09
N TYR A 86 -6.07 -8.13 -3.96
CA TYR A 86 -5.23 -9.23 -3.51
C TYR A 86 -6.07 -10.50 -3.43
N CYS A 87 -5.63 -11.56 -4.08
CA CYS A 87 -6.21 -12.86 -3.78
C CYS A 87 -5.46 -13.44 -2.61
N GLN A 88 -6.11 -14.37 -1.93
CA GLN A 88 -5.59 -14.93 -0.70
C GLN A 88 -6.17 -16.32 -0.45
N VAL A 89 -5.33 -17.23 0.05
CA VAL A 89 -5.78 -18.57 0.38
C VAL A 89 -5.13 -19.01 1.68
N TRP A 90 -5.62 -20.16 2.19
CA TRP A 90 -4.98 -20.96 3.24
C TRP A 90 -4.21 -22.10 2.58
N HIS A 91 -2.92 -22.19 2.87
CA HIS A 91 -2.13 -23.24 2.26
C HIS A 91 -2.03 -24.44 3.18
N SER A 92 -1.73 -24.20 4.45
CA SER A 92 -1.49 -25.27 5.40
C SER A 92 -1.54 -24.69 6.82
N SER A 93 -1.50 -25.61 7.79
CA SER A 93 -1.39 -25.23 9.19
C SER A 93 -0.24 -24.25 9.40
N SER A 94 0.92 -24.55 8.83
CA SER A 94 2.11 -23.73 9.00
C SER A 94 2.21 -22.59 7.99
N ASP A 95 1.22 -22.45 7.10
CA ASP A 95 1.20 -21.42 6.06
C ASP A 95 -0.24 -20.97 5.87
N PRO A 96 -0.84 -20.37 6.90
CA PRO A 96 -2.30 -20.27 6.90
C PRO A 96 -2.85 -19.11 6.11
N VAL A 97 -2.01 -18.15 5.72
CA VAL A 97 -2.51 -16.95 5.05
C VAL A 97 -1.47 -16.56 4.01
N VAL A 98 -1.78 -16.84 2.75
CA VAL A 98 -0.90 -16.51 1.63
C VAL A 98 -1.62 -15.49 0.78
N PHE A 99 -0.95 -14.38 0.44
CA PHE A 99 -1.49 -13.34 -0.44
C PHE A 99 -0.80 -13.42 -1.79
N GLY A 100 -1.55 -13.13 -2.84
CA GLY A 100 -0.94 -12.78 -4.10
C GLY A 100 -0.18 -11.47 -3.99
N GLY A 101 0.56 -11.17 -5.05
CA GLY A 101 1.29 -9.91 -5.04
C GLY A 101 0.41 -8.66 -5.21
N GLY A 102 -0.85 -8.83 -5.55
CA GLY A 102 -1.69 -7.67 -5.78
C GLY A 102 -1.70 -7.21 -7.22
N THR A 103 -2.88 -6.90 -7.70
CA THR A 103 -3.08 -6.27 -8.98
C THR A 103 -3.61 -4.86 -8.73
N LYS A 104 -2.96 -3.87 -9.30
CA LYS A 104 -3.45 -2.51 -9.25
C LYS A 104 -4.40 -2.31 -10.43
N LEU A 105 -5.67 -2.17 -10.15
CA LEU A 105 -6.65 -1.90 -11.19
C LEU A 105 -6.76 -0.40 -11.35
N THR A 106 -6.40 0.08 -12.53
CA THR A 106 -6.65 1.45 -12.92
C THR A 106 -7.93 1.50 -13.76
N VAL A 107 -8.88 2.35 -13.35
CA VAL A 107 -10.06 2.65 -14.16
C VAL A 107 -9.79 3.97 -14.88
N LEU A 108 -9.78 3.92 -16.21
CA LEU A 108 -9.34 5.06 -17.04
C LEU A 108 -10.48 6.06 -17.22
N GLY A 109 -10.72 6.84 -16.16
CA GLY A 109 -11.92 7.66 -16.14
C GLY A 109 -11.72 9.08 -16.59
N GLN A 110 -10.62 9.38 -17.26
CA GLN A 110 -10.33 10.72 -17.72
C GLN A 110 -9.45 10.56 -18.93
N PRO A 111 -9.35 11.57 -19.79
CA PRO A 111 -8.50 11.46 -20.98
C PRO A 111 -7.03 11.60 -20.63
N LYS A 112 -6.19 11.31 -21.62
CA LYS A 112 -4.75 11.34 -21.47
C LYS A 112 -4.25 12.77 -21.33
N ALA A 113 -3.12 12.92 -20.66
CA ALA A 113 -2.54 14.22 -20.39
C ALA A 113 -1.03 14.03 -20.42
N ALA A 114 -0.39 14.75 -21.30
CA ALA A 114 1.03 14.67 -21.58
C ALA A 114 1.76 15.56 -20.58
N PRO A 115 2.94 15.14 -20.12
CA PRO A 115 3.61 15.84 -18.99
C PRO A 115 4.19 17.18 -19.36
N SER A 116 4.23 18.09 -18.38
CA SER A 116 5.03 19.31 -18.42
C SER A 116 6.28 19.07 -17.59
N VAL A 117 7.41 19.56 -18.09
CA VAL A 117 8.71 19.27 -17.50
C VAL A 117 9.44 20.58 -17.29
N THR A 118 9.93 20.77 -16.08
CA THR A 118 10.81 21.88 -15.73
C THR A 118 12.12 21.30 -15.21
N LEU A 119 13.25 21.74 -15.78
CA LEU A 119 14.56 21.27 -15.38
C LEU A 119 15.35 22.44 -14.81
N PHE A 120 15.89 22.27 -13.61
CA PHE A 120 16.68 23.32 -12.97
C PHE A 120 18.13 22.90 -12.86
N PRO A 121 19.07 23.81 -13.09
CA PRO A 121 20.48 23.48 -12.88
C PRO A 121 20.89 23.68 -11.43
N PRO A 122 22.10 23.26 -11.07
CA PRO A 122 22.57 23.49 -9.70
C PRO A 122 22.64 24.98 -9.39
N SER A 123 22.30 25.34 -8.16
CA SER A 123 22.49 26.71 -7.69
C SER A 123 23.98 27.01 -7.47
N SER A 124 24.31 28.30 -7.55
CA SER A 124 25.66 28.73 -7.19
C SER A 124 25.96 28.41 -5.74
N GLU A 125 25.02 28.72 -4.85
CA GLU A 125 25.09 28.32 -3.45
C GLU A 125 25.57 26.88 -3.32
N GLU A 126 24.87 25.94 -3.98
CA GLU A 126 25.20 24.53 -3.79
C GLU A 126 26.55 24.20 -4.37
N LEU A 127 26.92 24.84 -5.48
CA LEU A 127 28.23 24.60 -6.05
C LEU A 127 29.32 25.07 -5.11
N GLN A 128 29.10 26.21 -4.44
CA GLN A 128 30.08 26.68 -3.45
C GLN A 128 30.16 25.72 -2.26
N ALA A 129 29.06 25.02 -1.98
CA ALA A 129 29.07 23.98 -0.95
C ALA A 129 29.63 22.65 -1.46
N ASN A 130 30.11 22.62 -2.70
CA ASN A 130 30.79 21.46 -3.27
C ASN A 130 29.85 20.32 -3.63
N LYS A 131 28.56 20.59 -3.78
CA LYS A 131 27.61 19.61 -4.28
C LYS A 131 26.95 20.17 -5.54
N ALA A 132 26.30 19.30 -6.30
CA ALA A 132 25.61 19.70 -7.51
C ALA A 132 24.41 18.80 -7.74
N THR A 133 23.21 19.37 -7.71
CA THR A 133 21.98 18.62 -7.90
C THR A 133 21.20 19.23 -9.07
N LEU A 134 20.81 18.40 -10.03
CA LEU A 134 19.88 18.80 -11.08
C LEU A 134 18.48 18.29 -10.74
N VAL A 135 17.48 19.13 -10.96
CA VAL A 135 16.11 18.82 -10.55
C VAL A 135 15.23 18.80 -11.78
N CYS A 136 14.56 17.67 -12.03
CA CYS A 136 13.61 17.50 -13.13
C CYS A 136 12.22 17.28 -12.55
N LEU A 137 11.32 18.23 -12.79
CA LEU A 137 9.98 18.20 -12.21
C LEU A 137 8.98 17.92 -13.30
N VAL A 138 8.09 16.96 -13.05
CA VAL A 138 7.18 16.42 -14.06
C VAL A 138 5.78 16.51 -13.49
N SER A 139 4.88 17.19 -14.19
CA SER A 139 3.56 17.42 -13.64
C SER A 139 2.47 17.24 -14.69
N ASP A 140 1.25 17.06 -14.18
CA ASP A 140 0.01 17.19 -14.95
C ASP A 140 -0.10 16.11 -16.02
N PHE A 141 0.33 14.90 -15.71
CA PHE A 141 0.23 13.81 -16.66
C PHE A 141 -0.78 12.75 -16.18
N TYR A 142 -1.38 12.06 -17.16
CA TYR A 142 -2.31 10.98 -16.92
C TYR A 142 -2.19 10.04 -18.10
N PRO A 143 -2.24 8.73 -17.89
CA PRO A 143 -2.25 7.92 -16.67
C PRO A 143 -0.99 8.18 -15.83
N GLY A 144 -0.97 7.69 -14.60
CA GLY A 144 0.09 8.06 -13.67
C GLY A 144 1.26 7.13 -13.77
N ALA A 145 1.98 7.18 -14.88
CA ALA A 145 3.18 6.37 -15.06
C ALA A 145 4.11 7.11 -16.00
N VAL A 146 5.34 7.37 -15.55
CA VAL A 146 6.36 7.96 -16.41
C VAL A 146 7.69 7.24 -16.17
N THR A 147 8.62 7.41 -17.09
CA THR A 147 10.00 6.97 -16.91
C THR A 147 10.87 8.18 -17.18
N VAL A 148 12.00 8.24 -16.49
CA VAL A 148 12.88 9.40 -16.55
C VAL A 148 14.32 8.91 -16.74
N ALA A 149 14.97 9.43 -17.77
CA ALA A 149 16.36 9.14 -18.07
C ALA A 149 17.12 10.46 -18.07
N TRP A 150 18.41 10.37 -17.82
CA TRP A 150 19.29 11.52 -17.81
C TRP A 150 20.40 11.31 -18.82
N LYS A 151 20.86 12.40 -19.41
CA LYS A 151 21.96 12.37 -20.36
C LYS A 151 22.98 13.43 -20.01
N ALA A 152 24.25 13.14 -20.32
CA ALA A 152 25.33 14.12 -20.22
C ALA A 152 25.92 14.27 -21.62
N ASP A 153 25.96 15.51 -22.12
CA ASP A 153 26.35 15.74 -23.51
C ASP A 153 25.40 14.94 -24.39
N GLY A 154 25.73 13.68 -24.66
CA GLY A 154 24.81 12.83 -25.36
C GLY A 154 24.66 11.42 -24.79
N SER A 155 25.40 11.11 -23.69
CA SER A 155 25.46 9.72 -23.26
C SER A 155 24.60 9.51 -22.01
N PRO A 156 24.13 8.27 -21.79
CA PRO A 156 23.31 8.01 -20.61
C PRO A 156 24.07 8.17 -19.30
N VAL A 157 23.40 8.73 -18.31
CA VAL A 157 23.93 8.87 -16.95
C VAL A 157 23.06 7.98 -16.09
N LYS A 158 23.58 6.82 -15.70
CA LYS A 158 22.82 5.82 -14.97
C LYS A 158 23.26 5.71 -13.52
N VAL A 159 23.78 6.77 -12.95
CA VAL A 159 24.24 6.71 -11.57
C VAL A 159 24.03 8.08 -10.92
N GLY A 160 23.65 8.09 -9.65
CA GLY A 160 23.34 9.34 -8.97
C GLY A 160 21.94 9.87 -9.20
N VAL A 161 21.06 9.03 -9.72
CA VAL A 161 19.69 9.42 -10.03
C VAL A 161 18.76 8.88 -8.96
N GLU A 162 17.88 9.76 -8.43
CA GLU A 162 16.77 9.36 -7.55
C GLU A 162 15.46 9.97 -8.06
N THR A 163 14.46 9.12 -8.21
CA THR A 163 13.20 9.46 -8.87
C THR A 163 12.05 9.01 -7.97
N THR A 164 11.08 9.88 -7.76
CA THR A 164 9.93 9.53 -6.94
C THR A 164 8.95 8.69 -7.75
N LYS A 165 8.09 7.95 -7.05
CA LYS A 165 6.91 7.39 -7.68
C LYS A 165 5.97 8.51 -8.12
N PRO A 166 5.13 8.27 -9.12
CA PRO A 166 4.10 9.27 -9.45
C PRO A 166 3.14 9.45 -8.30
N SER A 167 2.68 10.67 -8.13
CA SER A 167 1.76 11.02 -7.06
C SER A 167 0.60 11.85 -7.61
N LYS A 168 -0.61 11.53 -7.15
CA LYS A 168 -1.77 12.25 -7.67
C LYS A 168 -1.83 13.68 -7.13
N GLN A 169 -1.95 14.65 -8.04
CA GLN A 169 -2.11 16.04 -7.68
C GLN A 169 -3.59 16.37 -7.33
N SER A 170 -3.80 17.60 -6.87
CA SER A 170 -5.17 18.01 -6.53
C SER A 170 -6.12 17.99 -7.73
N ASN A 171 -5.62 18.28 -8.95
CA ASN A 171 -6.43 18.23 -10.17
C ASN A 171 -6.60 16.81 -10.73
N ASN A 172 -6.19 15.78 -9.99
CA ASN A 172 -6.33 14.36 -10.35
C ASN A 172 -5.44 13.89 -11.50
N LYS A 173 -4.55 14.74 -11.98
CA LYS A 173 -3.41 14.35 -12.80
C LYS A 173 -2.25 14.06 -11.85
N TYR A 174 -1.10 13.64 -12.39
CA TYR A 174 -0.01 13.10 -11.59
C TYR A 174 1.24 13.93 -11.79
N ALA A 175 2.11 13.86 -10.77
CA ALA A 175 3.40 14.55 -10.73
C ALA A 175 4.49 13.59 -10.29
N ALA A 176 5.71 13.88 -10.71
CA ALA A 176 6.86 13.12 -10.27
C ALA A 176 8.09 14.02 -10.30
N SER A 177 9.15 13.58 -9.61
CA SER A 177 10.38 14.33 -9.44
C SER A 177 11.56 13.42 -9.72
N SER A 178 12.60 13.94 -10.36
CA SER A 178 13.87 13.21 -10.48
C SER A 178 15.04 14.13 -10.16
N TYR A 179 16.01 13.60 -9.41
CA TYR A 179 17.18 14.36 -8.96
C TYR A 179 18.44 13.65 -9.44
N LEU A 180 19.30 14.38 -10.13
CA LEU A 180 20.60 13.87 -10.53
C LEU A 180 21.67 14.57 -9.69
N SER A 181 22.49 13.78 -9.00
CA SER A 181 23.58 14.28 -8.17
C SER A 181 24.92 14.15 -8.89
N LEU A 182 25.65 15.25 -8.97
CA LEU A 182 26.94 15.27 -9.65
C LEU A 182 28.02 15.87 -8.78
N THR A 183 29.29 15.61 -9.13
CA THR A 183 30.37 16.45 -8.63
C THR A 183 30.31 17.82 -9.31
N PRO A 184 30.68 18.89 -8.61
CA PRO A 184 30.73 20.19 -9.30
C PRO A 184 31.73 20.20 -10.43
N GLU A 185 32.66 19.25 -10.41
CA GLU A 185 33.58 19.09 -11.54
C GLU A 185 32.85 18.59 -12.76
N GLN A 186 32.14 17.46 -12.62
CA GLN A 186 31.31 16.92 -13.70
C GLN A 186 30.42 17.98 -14.32
N TRP A 187 29.74 18.76 -13.48
CA TRP A 187 28.85 19.79 -13.98
C TRP A 187 29.56 20.70 -14.97
N LYS A 188 30.77 21.15 -14.62
CA LYS A 188 31.51 22.04 -15.51
C LYS A 188 32.21 21.31 -16.65
N SER A 189 32.50 20.02 -16.49
CA SER A 189 33.22 19.28 -17.50
C SER A 189 32.40 19.01 -18.76
N HIS A 190 31.08 18.99 -18.66
CA HIS A 190 30.22 18.62 -19.77
C HIS A 190 29.57 19.84 -20.41
N ARG A 191 29.22 19.71 -21.69
CA ARG A 191 28.61 20.82 -22.40
C ARG A 191 27.19 21.06 -21.91
N SER A 192 26.46 19.98 -21.61
CA SER A 192 25.06 20.08 -21.20
C SER A 192 24.65 18.79 -20.51
N TYR A 193 23.54 18.88 -19.77
CA TYR A 193 22.88 17.73 -19.17
C TYR A 193 21.42 17.82 -19.56
N SER A 194 20.79 16.67 -19.78
CA SER A 194 19.41 16.59 -20.22
C SER A 194 18.61 15.67 -19.30
N CYS A 195 17.37 16.09 -19.03
CA CYS A 195 16.31 15.26 -18.50
C CYS A 195 15.41 14.82 -19.65
N ARG A 196 15.12 13.52 -19.74
CA ARG A 196 14.25 12.97 -20.79
C ARG A 196 13.11 12.21 -20.15
N VAL A 197 11.89 12.70 -20.33
CA VAL A 197 10.71 12.16 -19.67
C VAL A 197 9.84 11.50 -20.72
N THR A 198 9.52 10.24 -20.50
CA THR A 198 8.79 9.44 -21.47
C THR A 198 7.44 9.10 -20.88
N HIS A 199 6.39 9.35 -21.66
CA HIS A 199 5.01 9.10 -21.24
C HIS A 199 4.24 8.68 -22.48
N GLU A 200 3.58 7.52 -22.40
CA GLU A 200 2.79 6.98 -23.50
C GLU A 200 3.56 7.00 -24.82
N GLY A 201 4.82 6.55 -24.78
CA GLY A 201 5.58 6.43 -26.01
C GLY A 201 6.01 7.71 -26.65
N SER A 202 5.80 8.84 -26.01
CA SER A 202 6.34 10.11 -26.49
C SER A 202 7.25 10.68 -25.40
N THR A 203 8.22 11.48 -25.81
CA THR A 203 9.28 11.89 -24.91
C THR A 203 9.47 13.39 -24.93
N VAL A 204 9.65 13.97 -23.74
CA VAL A 204 9.99 15.38 -23.54
C VAL A 204 11.44 15.46 -23.09
N GLU A 205 12.21 16.39 -23.67
CA GLU A 205 13.60 16.59 -23.29
C GLU A 205 13.79 18.03 -22.86
N LYS A 206 14.46 18.25 -21.72
CA LYS A 206 14.84 19.56 -21.22
C LYS A 206 16.35 19.53 -21.00
N THR A 207 16.99 20.64 -21.30
CA THR A 207 18.44 20.70 -21.26
C THR A 207 18.89 21.94 -20.52
N VAL A 208 19.96 21.77 -19.73
CA VAL A 208 20.60 22.84 -18.96
C VAL A 208 22.10 22.72 -19.14
N ALA A 209 22.81 23.84 -18.92
CA ALA A 209 24.26 23.86 -19.07
C ALA A 209 24.87 24.89 -18.13
N PRO A 210 26.13 24.70 -17.73
CA PRO A 210 26.74 25.70 -16.83
C PRO A 210 26.71 27.13 -17.40
N GLU B 1 -21.53 0.52 13.14
CA GLU B 1 -20.63 -0.28 12.27
C GLU B 1 -19.62 -1.09 13.10
N VAL B 2 -18.98 -2.06 12.48
CA VAL B 2 -17.77 -2.64 13.06
C VAL B 2 -16.64 -1.65 12.88
N GLN B 3 -15.87 -1.44 13.95
CA GLN B 3 -14.78 -0.46 13.94
C GLN B 3 -13.52 -1.06 14.56
N LEU B 4 -12.42 -0.85 13.86
CA LEU B 4 -11.12 -1.32 14.27
C LEU B 4 -10.18 -0.13 14.12
N VAL B 5 -9.62 0.34 15.22
CA VAL B 5 -8.82 1.56 15.21
C VAL B 5 -7.45 1.22 15.75
N GLU B 6 -6.42 1.30 14.91
CA GLU B 6 -5.07 0.96 15.30
C GLU B 6 -4.37 2.19 15.87
N SER B 7 -3.51 1.99 16.85
CA SER B 7 -2.63 3.07 17.26
C SER B 7 -1.28 2.51 17.71
N GLY B 8 -0.36 3.41 17.98
CA GLY B 8 0.92 3.06 18.58
C GLY B 8 2.06 3.00 17.59
N GLY B 9 1.85 3.38 16.36
CA GLY B 9 2.91 3.38 15.39
C GLY B 9 3.84 4.55 15.63
N GLY B 10 4.87 4.64 14.79
CA GLY B 10 5.79 5.75 14.88
C GLY B 10 7.10 5.38 14.20
N LEU B 11 8.12 6.20 14.45
CA LEU B 11 9.43 6.06 13.83
C LEU B 11 10.47 5.67 14.86
N VAL B 12 11.19 4.59 14.60
CA VAL B 12 12.17 4.06 15.54
C VAL B 12 13.40 3.69 14.74
N LYS B 13 14.48 3.39 15.51
CA LYS B 13 15.74 2.94 14.99
C LYS B 13 15.75 1.43 14.87
N PRO B 14 16.61 0.87 13.99
CA PRO B 14 16.84 -0.58 14.00
C PRO B 14 17.19 -1.06 15.40
N GLY B 15 16.65 -2.20 15.78
CA GLY B 15 16.79 -2.68 17.12
C GLY B 15 15.82 -2.09 18.09
N GLY B 16 15.02 -1.12 17.65
CA GLY B 16 13.97 -0.52 18.47
C GLY B 16 12.73 -1.38 18.64
N SER B 17 11.76 -0.82 19.36
CA SER B 17 10.56 -1.55 19.74
C SER B 17 9.35 -0.64 19.66
N LEU B 18 8.20 -1.27 19.48
CA LEU B 18 6.91 -0.59 19.48
C LEU B 18 5.85 -1.56 19.98
N ARG B 19 4.73 -1.02 20.44
CA ARG B 19 3.57 -1.82 20.81
C ARG B 19 2.39 -1.23 20.09
N LEU B 20 1.77 -2.00 19.19
CA LEU B 20 0.56 -1.55 18.53
C LEU B 20 -0.63 -2.03 19.31
N SER B 21 -1.70 -1.24 19.26
CA SER B 21 -2.99 -1.54 19.85
C SER B 21 -4.08 -1.38 18.80
N CYS B 22 -5.10 -2.22 18.88
CA CYS B 22 -6.29 -2.12 18.04
C CYS B 22 -7.49 -2.14 18.97
N ALA B 23 -8.28 -1.07 18.94
CA ALA B 23 -9.49 -0.94 19.74
C ALA B 23 -10.70 -1.36 18.91
N ALA B 24 -11.36 -2.46 19.29
CA ALA B 24 -12.47 -3.02 18.53
C ALA B 24 -13.81 -2.57 19.11
N SER B 25 -14.75 -2.26 18.23
CA SER B 25 -16.10 -1.91 18.61
C SER B 25 -17.06 -2.51 17.57
N GLY B 26 -18.28 -2.79 18.01
CA GLY B 26 -19.35 -3.15 17.11
C GLY B 26 -19.52 -4.64 16.87
N PHE B 27 -18.91 -5.50 17.67
CA PHE B 27 -19.12 -6.93 17.50
C PHE B 27 -18.65 -7.63 18.76
N ASN B 28 -19.04 -8.89 18.89
CA ASN B 28 -18.62 -9.71 20.03
C ASN B 28 -17.12 -10.03 19.91
N PHE B 29 -16.30 -9.11 20.42
CA PHE B 29 -14.85 -9.29 20.30
C PHE B 29 -14.40 -10.62 20.89
N SER B 30 -14.99 -11.02 22.01
CA SER B 30 -14.53 -12.21 22.71
C SER B 30 -14.65 -13.48 21.89
N THR B 31 -15.44 -13.46 20.82
CA THR B 31 -15.68 -14.67 20.04
C THR B 31 -14.91 -14.77 18.74
N HIS B 32 -14.25 -13.71 18.29
CA HIS B 32 -13.72 -13.68 16.94
C HIS B 32 -12.20 -13.84 16.90
N ILE B 33 -11.76 -14.48 15.82
CA ILE B 33 -10.34 -14.52 15.50
C ILE B 33 -9.89 -13.11 15.16
N MET B 34 -8.68 -12.74 15.61
CA MET B 34 -8.13 -11.43 15.30
C MET B 34 -6.75 -11.61 14.68
N ASN B 35 -6.32 -10.61 13.93
CA ASN B 35 -5.17 -10.76 13.06
C ASN B 35 -4.47 -9.42 12.92
N TRP B 36 -3.17 -9.49 12.63
CA TRP B 36 -2.40 -8.38 12.10
C TRP B 36 -1.87 -8.73 10.71
N VAL B 37 -1.90 -7.78 9.80
CA VAL B 37 -1.39 -7.90 8.44
C VAL B 37 -0.64 -6.59 8.16
N ARG B 38 0.52 -6.68 7.51
CA ARG B 38 1.26 -5.48 7.18
C ARG B 38 1.40 -5.33 5.68
N GLN B 39 1.75 -4.09 5.28
CA GLN B 39 2.10 -3.81 3.88
C GLN B 39 3.29 -2.86 3.84
N ALA B 40 4.45 -3.35 3.40
CA ALA B 40 5.63 -2.52 3.26
C ALA B 40 5.43 -1.58 2.06
N PRO B 41 6.18 -0.48 2.02
CA PRO B 41 5.92 0.54 0.98
C PRO B 41 6.17 0.00 -0.42
N GLY B 42 5.20 0.21 -1.31
CA GLY B 42 5.28 -0.37 -2.64
C GLY B 42 5.37 -1.89 -2.70
N LYS B 43 4.92 -2.57 -1.65
CA LYS B 43 4.85 -4.01 -1.67
C LYS B 43 3.41 -4.39 -1.36
N GLY B 44 3.14 -5.70 -1.30
CA GLY B 44 1.81 -6.20 -1.13
C GLY B 44 1.52 -6.57 0.30
N LEU B 45 0.28 -6.97 0.55
CA LEU B 45 -0.10 -7.43 1.87
C LEU B 45 0.72 -8.65 2.23
N GLU B 46 1.04 -8.75 3.52
CA GLU B 46 1.80 -9.84 4.12
C GLU B 46 1.24 -10.08 5.51
N TRP B 47 0.72 -11.26 5.74
CA TRP B 47 0.10 -11.59 7.01
C TRP B 47 1.15 -11.63 8.11
N VAL B 48 0.80 -11.14 9.29
CA VAL B 48 1.76 -11.13 10.40
C VAL B 48 1.45 -12.23 11.39
N SER B 49 0.22 -12.27 11.87
CA SER B 49 -0.13 -13.14 13.01
C SER B 49 -1.64 -13.25 13.15
N SER B 50 -2.08 -14.39 13.68
CA SER B 50 -3.47 -14.61 14.04
C SER B 50 -3.58 -15.20 15.45
N ILE B 51 -4.68 -14.88 16.13
CA ILE B 51 -4.89 -15.33 17.51
C ILE B 51 -6.36 -15.72 17.66
N SER B 52 -6.60 -16.85 18.27
CA SER B 52 -7.97 -17.31 18.41
C SER B 52 -8.67 -16.56 19.55
N SER B 53 -9.97 -16.82 19.67
CA SER B 53 -10.82 -16.13 20.65
C SER B 53 -10.21 -16.15 22.04
N SER B 54 -9.84 -17.33 22.53
CA SER B 54 -9.35 -17.49 23.89
C SER B 54 -7.85 -17.32 24.02
N GLY B 55 -7.16 -16.99 22.92
CA GLY B 55 -5.73 -16.88 22.93
C GLY B 55 -5.02 -18.20 22.88
N THR B 56 -5.76 -19.31 22.78
CA THR B 56 -5.12 -20.62 22.84
C THR B 56 -4.34 -20.92 21.57
N TYR B 57 -4.86 -20.52 20.41
CA TYR B 57 -4.22 -20.81 19.14
C TYR B 57 -3.63 -19.52 18.59
N ILE B 58 -2.32 -19.54 18.39
CA ILE B 58 -1.59 -18.37 17.91
C ILE B 58 -0.67 -18.84 16.81
N TYR B 59 -0.74 -18.19 15.64
CA TYR B 59 0.18 -18.44 14.54
C TYR B 59 0.94 -17.17 14.15
N TYR B 60 2.15 -17.35 13.64
CA TYR B 60 2.99 -16.26 13.18
C TYR B 60 3.53 -16.59 11.81
N ALA B 61 3.75 -15.56 11.00
CA ALA B 61 4.58 -15.71 9.80
C ALA B 61 6.03 -16.03 10.18
N ASP B 62 6.66 -16.89 9.37
CA ASP B 62 7.99 -17.40 9.69
C ASP B 62 8.99 -16.28 9.90
N SER B 63 8.93 -15.25 9.05
CA SER B 63 9.89 -14.15 9.14
C SER B 63 9.74 -13.32 10.42
N MET B 64 8.71 -13.53 11.23
CA MET B 64 8.43 -12.62 12.33
C MET B 64 8.32 -13.31 13.70
N LYS B 65 8.29 -14.64 13.74
CA LYS B 65 8.26 -15.35 15.01
C LYS B 65 9.49 -14.93 15.84
N GLY B 66 9.29 -14.75 17.14
CA GLY B 66 10.41 -14.48 18.01
C GLY B 66 10.56 -13.00 18.30
N ARG B 67 10.32 -12.18 17.28
CA ARG B 67 10.42 -10.74 17.41
C ARG B 67 9.07 -10.07 17.67
N PHE B 68 8.00 -10.63 17.12
CA PHE B 68 6.65 -10.10 17.26
C PHE B 68 5.89 -11.04 18.17
N THR B 69 5.05 -10.46 19.02
CA THR B 69 4.17 -11.20 19.93
C THR B 69 2.80 -10.59 19.84
N ILE B 70 1.80 -11.41 19.51
CA ILE B 70 0.42 -10.98 19.47
C ILE B 70 -0.24 -11.35 20.79
N SER B 71 -1.26 -10.60 21.18
CA SER B 71 -2.00 -10.86 22.40
C SER B 71 -3.29 -10.06 22.36
N ARG B 72 -4.21 -10.37 23.26
CA ARG B 72 -5.50 -9.71 23.26
C ARG B 72 -6.02 -9.62 24.69
N ASP B 73 -6.99 -8.75 24.88
CA ASP B 73 -7.59 -8.50 26.19
C ASP B 73 -9.08 -8.35 25.92
N ASN B 74 -9.80 -9.44 26.05
CA ASN B 74 -11.19 -9.41 25.60
C ASN B 74 -12.07 -8.46 26.40
N PRO B 75 -11.91 -8.40 27.74
CA PRO B 75 -12.68 -7.40 28.49
C PRO B 75 -12.41 -5.98 28.01
N LYS B 76 -11.19 -5.69 27.57
CA LYS B 76 -10.85 -4.36 27.06
C LYS B 76 -11.12 -4.21 25.57
N ASN B 77 -11.55 -5.27 24.89
CA ASN B 77 -11.86 -5.21 23.46
C ASN B 77 -10.62 -4.77 22.67
N SER B 78 -9.49 -5.37 22.99
CA SER B 78 -8.25 -4.84 22.41
C SER B 78 -7.32 -5.94 21.96
N LEU B 79 -6.66 -5.69 20.83
CA LEU B 79 -5.62 -6.53 20.27
C LEU B 79 -4.29 -5.80 20.34
N TYR B 80 -3.22 -6.51 20.69
CA TYR B 80 -1.90 -5.90 20.76
C TYR B 80 -0.92 -6.64 19.88
N LEU B 81 0.09 -5.92 19.40
CA LEU B 81 1.25 -6.48 18.72
C LEU B 81 2.53 -5.89 19.33
N GLN B 82 3.27 -6.70 20.05
CA GLN B 82 4.55 -6.27 20.61
C GLN B 82 5.64 -6.56 19.58
N MET B 83 6.30 -5.52 19.10
CA MET B 83 7.35 -5.65 18.11
C MET B 83 8.69 -5.28 18.74
N ASN B 84 9.60 -6.23 18.78
CA ASN B 84 10.94 -6.04 19.31
C ASN B 84 11.98 -6.29 18.23
N SER B 85 13.16 -5.73 18.46
CA SER B 85 14.33 -5.96 17.59
C SER B 85 14.00 -5.60 16.14
N LEU B 86 13.42 -4.42 15.95
CA LEU B 86 12.85 -4.08 14.65
C LEU B 86 13.95 -3.90 13.59
N ARG B 87 13.60 -4.26 12.37
CA ARG B 87 14.50 -4.20 11.23
C ARG B 87 13.95 -3.19 10.23
N ALA B 88 14.84 -2.69 9.40
CA ALA B 88 14.42 -1.75 8.36
C ALA B 88 13.29 -2.35 7.54
N GLU B 89 13.36 -3.64 7.26
CA GLU B 89 12.35 -4.30 6.45
C GLU B 89 11.02 -4.41 7.16
N ASP B 90 10.90 -4.03 8.43
CA ASP B 90 9.63 -4.06 9.14
C ASP B 90 8.88 -2.76 8.93
N THR B 91 9.42 -1.83 8.15
CA THR B 91 8.76 -0.58 7.85
C THR B 91 7.54 -0.92 6.99
N ALA B 92 6.33 -0.58 7.44
CA ALA B 92 5.08 -0.90 6.78
C ALA B 92 3.91 -0.28 7.51
N VAL B 93 2.75 -0.29 6.88
CA VAL B 93 1.55 0.06 7.55
C VAL B 93 1.07 -1.27 8.15
N TYR B 94 0.69 -1.29 9.41
CA TYR B 94 0.22 -2.49 10.04
C TYR B 94 -1.29 -2.42 10.22
N TYR B 95 -2.04 -3.37 9.67
CA TYR B 95 -3.46 -3.36 9.81
C TYR B 95 -3.97 -4.37 10.82
N CYS B 96 -5.02 -4.03 11.52
CA CYS B 96 -5.66 -4.91 12.43
C CYS B 96 -6.82 -5.51 11.62
N ALA B 97 -7.14 -6.76 11.84
CA ALA B 97 -8.25 -7.33 11.11
C ALA B 97 -9.04 -8.41 11.85
N ARG B 98 -10.34 -8.40 11.72
CA ARG B 98 -11.20 -9.46 12.23
C ARG B 98 -11.36 -10.57 11.19
N ALA B 99 -11.54 -11.80 11.66
CA ALA B 99 -11.78 -12.94 10.79
C ALA B 99 -12.98 -13.74 11.28
N ARG B 100 -13.67 -14.39 10.35
CA ARG B 100 -14.71 -15.35 10.67
C ARG B 100 -14.26 -16.74 10.25
N GLY B 101 -14.85 -17.74 10.88
CA GLY B 101 -14.46 -19.09 10.64
C GLY B 101 -13.72 -19.81 11.74
N PHE B 102 -12.82 -20.70 11.33
CA PHE B 102 -12.20 -21.68 12.21
C PHE B 102 -10.69 -21.56 12.06
N ILE B 103 -10.02 -21.22 13.15
CA ILE B 103 -8.62 -20.81 13.02
C ILE B 103 -7.77 -21.99 12.57
N GLN B 104 -8.18 -23.19 12.88
CA GLN B 104 -7.35 -24.34 12.58
C GLN B 104 -7.51 -24.91 11.18
N PHE B 105 -8.45 -24.43 10.37
CA PHE B 105 -8.62 -25.03 9.05
C PHE B 105 -9.33 -24.18 8.00
N HIS B 106 -10.13 -23.19 8.38
CA HIS B 106 -10.81 -22.39 7.36
C HIS B 106 -11.29 -21.09 7.99
N TYR B 107 -10.47 -20.05 7.87
CA TYR B 107 -10.90 -18.73 8.28
C TYR B 107 -10.50 -17.69 7.27
N TYR B 108 -11.22 -16.57 7.29
CA TYR B 108 -10.99 -15.47 6.37
C TYR B 108 -11.19 -14.16 7.11
N MET B 109 -10.43 -13.15 6.71
CA MET B 109 -10.52 -11.81 7.27
C MET B 109 -11.60 -11.01 6.57
N ASP B 110 -12.52 -10.44 7.35
CA ASP B 110 -13.68 -9.80 6.74
C ASP B 110 -13.84 -8.33 7.07
N VAL B 111 -13.12 -7.80 8.05
CA VAL B 111 -13.16 -6.37 8.38
C VAL B 111 -11.76 -5.94 8.76
N TRP B 112 -11.29 -4.86 8.15
CA TRP B 112 -9.95 -4.35 8.39
C TRP B 112 -10.00 -2.93 8.94
N GLY B 113 -9.02 -2.55 9.78
CA GLY B 113 -8.84 -1.16 10.16
C GLY B 113 -8.10 -0.39 9.06
N LYS B 114 -7.91 0.90 9.31
CA LYS B 114 -7.23 1.76 8.37
C LYS B 114 -5.71 1.65 8.48
N GLY B 115 -5.20 1.00 9.52
CA GLY B 115 -3.77 0.82 9.66
C GLY B 115 -3.12 1.86 10.55
N THR B 116 -1.94 1.50 11.11
CA THR B 116 -1.04 2.47 11.74
C THR B 116 0.36 2.32 11.15
N THR B 117 1.07 3.43 10.99
CA THR B 117 2.31 3.44 10.22
C THR B 117 3.49 3.19 11.14
N VAL B 118 4.33 2.21 10.77
CA VAL B 118 5.58 1.92 11.49
C VAL B 118 6.75 2.21 10.55
N ALA B 119 7.74 2.99 11.01
CA ALA B 119 8.93 3.28 10.22
C ALA B 119 10.17 2.97 11.03
N VAL B 120 11.12 2.29 10.42
CA VAL B 120 12.33 1.88 11.07
C VAL B 120 13.45 2.36 10.17
N SER B 121 14.27 3.30 10.65
CA SER B 121 15.33 3.85 9.81
C SER B 121 16.54 4.23 10.64
N SER B 122 17.72 4.10 10.01
CA SER B 122 19.01 4.46 10.59
C SER B 122 19.29 5.94 10.55
N ALA B 123 18.54 6.69 9.77
CA ALA B 123 18.80 8.10 9.53
C ALA B 123 18.71 8.93 10.82
N SER B 124 19.57 9.94 10.90
CA SER B 124 19.54 10.88 12.03
C SER B 124 18.73 12.11 11.70
N THR B 125 18.04 12.66 12.72
CA THR B 125 17.27 13.87 12.52
C THR B 125 18.17 14.98 12.01
N LYS B 126 17.68 15.75 11.04
CA LYS B 126 18.54 16.73 10.37
C LYS B 126 17.65 17.73 9.66
N GLY B 127 17.91 18.99 9.87
CA GLY B 127 17.21 20.00 9.12
C GLY B 127 17.74 20.18 7.72
N PRO B 128 16.90 20.70 6.84
CA PRO B 128 17.29 20.79 5.43
C PRO B 128 18.27 21.92 5.11
N SER B 129 19.15 21.66 4.13
CA SER B 129 19.82 22.72 3.40
C SER B 129 18.92 23.20 2.26
N VAL B 130 18.69 24.50 2.19
CA VAL B 130 17.80 25.05 1.18
C VAL B 130 18.59 25.88 0.20
N PHE B 131 18.26 25.74 -1.08
CA PHE B 131 18.94 26.42 -2.16
C PHE B 131 17.94 26.98 -3.13
N PRO B 132 18.24 28.12 -3.76
CA PRO B 132 17.29 28.71 -4.70
C PRO B 132 17.42 28.07 -6.08
N LEU B 133 16.28 27.91 -6.75
CA LEU B 133 16.22 27.43 -8.12
C LEU B 133 15.82 28.62 -8.97
N ALA B 134 16.77 29.16 -9.70
CA ALA B 134 16.61 30.47 -10.33
C ALA B 134 15.89 30.35 -11.66
N PRO B 135 15.04 31.34 -11.98
CA PRO B 135 14.41 31.37 -13.30
C PRO B 135 15.39 31.84 -14.37
N SER B 136 15.41 31.13 -15.49
CA SER B 136 16.42 31.35 -16.54
C SER B 136 15.80 31.88 -17.84
N THR B 144 5.90 34.04 -19.00
CA THR B 144 5.83 33.23 -17.77
C THR B 144 7.13 32.44 -17.54
N ALA B 145 7.65 32.53 -16.32
CA ALA B 145 8.88 31.87 -15.91
C ALA B 145 8.62 31.07 -14.64
N ALA B 146 9.53 30.13 -14.36
CA ALA B 146 9.42 29.25 -13.21
C ALA B 146 10.64 29.40 -12.32
N LEU B 147 10.41 29.30 -11.01
CA LEU B 147 11.48 29.39 -10.02
C LEU B 147 11.02 28.66 -8.77
N GLY B 148 12.00 28.23 -7.97
CA GLY B 148 11.64 27.48 -6.79
C GLY B 148 12.75 27.32 -5.80
N CYS B 149 12.56 26.34 -4.92
CA CYS B 149 13.50 26.07 -3.83
C CYS B 149 13.72 24.58 -3.75
N LEU B 150 14.98 24.16 -3.73
CA LEU B 150 15.38 22.80 -3.41
C LEU B 150 15.52 22.68 -1.89
N VAL B 151 14.73 21.82 -1.28
CA VAL B 151 14.83 21.53 0.14
C VAL B 151 15.55 20.19 0.28
N LYS B 152 16.82 20.24 0.60
CA LYS B 152 17.70 19.08 0.42
C LYS B 152 18.11 18.44 1.74
N ASP B 153 18.03 17.10 1.78
CA ASP B 153 18.67 16.28 2.82
C ASP B 153 18.14 16.63 4.22
N TYR B 154 16.88 16.29 4.44
CA TYR B 154 16.30 16.42 5.78
C TYR B 154 15.77 15.08 6.27
N PHE B 155 15.62 14.98 7.59
CA PHE B 155 15.04 13.80 8.20
C PHE B 155 14.56 14.13 9.60
N PRO B 156 13.37 13.66 10.02
CA PRO B 156 12.38 12.93 9.20
C PRO B 156 11.41 13.88 8.51
N GLU B 157 10.47 13.32 7.76
CA GLU B 157 9.34 14.08 7.30
C GLU B 157 8.53 14.54 8.51
N PRO B 158 7.78 15.64 8.41
CA PRO B 158 7.64 16.44 7.18
C PRO B 158 8.41 17.78 7.27
N VAL B 159 8.33 18.53 6.17
CA VAL B 159 8.77 19.91 6.09
C VAL B 159 7.59 20.68 5.54
N THR B 160 7.50 21.97 5.85
CA THR B 160 6.52 22.83 5.20
C THR B 160 7.21 23.91 4.37
N VAL B 161 6.56 24.29 3.29
CA VAL B 161 7.10 25.32 2.40
C VAL B 161 5.97 26.28 2.09
N SER B 162 6.22 27.56 2.30
CA SER B 162 5.32 28.63 1.89
C SER B 162 6.15 29.64 1.10
N TRP B 163 5.45 30.50 0.37
CA TRP B 163 6.08 31.47 -0.50
C TRP B 163 5.68 32.88 -0.08
N ASN B 164 6.69 33.72 0.19
CA ASN B 164 6.43 35.11 0.60
C ASN B 164 5.57 35.12 1.86
N SER B 165 5.99 34.34 2.84
CA SER B 165 5.31 34.20 4.13
C SER B 165 3.81 33.98 3.96
N GLY B 166 3.45 33.18 2.97
CA GLY B 166 2.06 32.85 2.72
C GLY B 166 1.33 33.79 1.77
N ALA B 167 1.93 34.91 1.40
CA ALA B 167 1.26 35.87 0.54
C ALA B 167 1.14 35.39 -0.90
N LEU B 168 1.88 34.34 -1.27
CA LEU B 168 1.89 33.81 -2.63
C LEU B 168 1.30 32.40 -2.62
N THR B 169 0.08 32.26 -3.12
CA THR B 169 -0.61 30.98 -3.12
C THR B 169 -0.87 30.42 -4.52
N SER B 170 -0.95 31.27 -5.54
CA SER B 170 -1.32 30.81 -6.87
C SER B 170 -0.10 30.33 -7.62
N GLY B 171 -0.29 29.25 -8.38
CA GLY B 171 0.80 28.70 -9.16
C GLY B 171 1.93 28.08 -8.36
N VAL B 172 1.68 27.70 -7.12
CA VAL B 172 2.67 27.05 -6.27
C VAL B 172 2.42 25.56 -6.34
N HIS B 173 3.47 24.79 -6.62
CA HIS B 173 3.42 23.33 -6.65
C HIS B 173 4.63 22.82 -5.83
N THR B 174 4.37 22.28 -4.65
CA THR B 174 5.39 21.64 -3.83
C THR B 174 5.29 20.13 -4.07
N PHE B 175 6.33 19.55 -4.58
CA PHE B 175 6.32 18.16 -4.99
C PHE B 175 6.55 17.25 -3.80
N PRO B 176 5.96 16.07 -3.80
CA PRO B 176 6.33 15.06 -2.80
C PRO B 176 7.83 14.84 -2.77
N ALA B 177 8.32 14.47 -1.60
CA ALA B 177 9.75 14.25 -1.41
C ALA B 177 10.22 12.92 -1.99
N VAL B 178 11.46 12.91 -2.39
CA VAL B 178 12.15 11.68 -2.73
C VAL B 178 12.86 11.19 -1.47
N LEU B 179 12.70 9.91 -1.16
CA LEU B 179 13.51 9.27 -0.12
C LEU B 179 14.78 8.73 -0.76
N GLN B 180 15.94 9.29 -0.39
CA GLN B 180 17.21 8.94 -1.00
C GLN B 180 17.76 7.69 -0.33
N SER B 181 18.70 7.03 -1.03
CA SER B 181 19.37 5.86 -0.48
C SER B 181 20.13 6.17 0.79
N SER B 182 20.53 7.42 0.98
CA SER B 182 21.09 7.88 2.24
C SER B 182 20.13 7.73 3.40
N GLY B 183 18.82 7.67 3.15
CA GLY B 183 17.83 7.67 4.19
C GLY B 183 17.29 9.04 4.50
N LEU B 184 17.76 10.06 3.81
CA LEU B 184 17.25 11.42 3.94
C LEU B 184 16.26 11.75 2.82
N TYR B 185 15.47 12.78 3.06
CA TYR B 185 14.50 13.28 2.10
C TYR B 185 15.01 14.55 1.43
N SER B 186 14.58 14.76 0.21
CA SER B 186 14.70 16.04 -0.48
C SER B 186 13.40 16.29 -1.18
N LEU B 187 13.04 17.56 -1.31
CA LEU B 187 11.88 17.91 -2.11
C LEU B 187 12.08 19.27 -2.75
N SER B 188 11.21 19.62 -3.70
CA SER B 188 11.28 20.90 -4.39
C SER B 188 9.92 21.58 -4.36
N SER B 189 9.94 22.90 -4.41
CA SER B 189 8.72 23.69 -4.48
C SER B 189 8.95 24.74 -5.56
N VAL B 190 8.04 24.84 -6.51
CA VAL B 190 8.19 25.76 -7.63
C VAL B 190 6.95 26.63 -7.72
N VAL B 191 7.15 27.90 -8.05
CA VAL B 191 6.07 28.83 -8.29
C VAL B 191 6.24 29.36 -9.71
N THR B 192 5.13 29.52 -10.42
CA THR B 192 5.12 30.06 -11.76
C THR B 192 4.57 31.49 -11.73
N VAL B 193 5.40 32.44 -12.15
CA VAL B 193 5.07 33.87 -12.07
C VAL B 193 5.31 34.52 -13.43
N PRO B 194 4.85 35.76 -13.64
CA PRO B 194 5.04 36.39 -14.95
C PRO B 194 6.47 36.86 -15.12
N SER B 195 6.96 36.73 -16.36
CA SER B 195 8.30 37.25 -16.67
C SER B 195 8.38 38.74 -16.44
N SER B 196 7.25 39.44 -16.51
CA SER B 196 7.26 40.89 -16.32
C SER B 196 7.72 41.27 -14.91
N SER B 197 7.33 40.49 -13.90
CA SER B 197 7.59 40.88 -12.52
C SER B 197 9.03 40.61 -12.09
N LEU B 198 9.68 39.59 -12.64
CA LEU B 198 11.05 39.25 -12.25
C LEU B 198 11.94 40.47 -12.37
N GLY B 199 12.55 40.85 -11.25
CA GLY B 199 13.33 42.08 -11.22
C GLY B 199 12.65 43.12 -10.36
N THR B 200 11.35 43.31 -10.57
CA THR B 200 10.57 44.22 -9.73
C THR B 200 10.16 43.58 -8.42
N GLN B 201 9.99 42.25 -8.40
CA GLN B 201 9.31 41.54 -7.33
C GLN B 201 10.25 40.55 -6.65
N THR B 202 10.13 40.45 -5.33
CA THR B 202 10.94 39.54 -4.54
C THR B 202 10.19 38.24 -4.27
N TYR B 203 10.92 37.14 -4.28
CA TYR B 203 10.35 35.82 -4.09
C TYR B 203 11.15 35.09 -3.03
N ILE B 204 10.46 34.68 -1.96
CA ILE B 204 11.08 34.03 -0.82
C ILE B 204 10.25 32.80 -0.47
N CYS B 205 10.92 31.67 -0.31
CA CYS B 205 10.28 30.44 0.17
C CYS B 205 10.61 30.29 1.65
N ASN B 206 9.60 30.00 2.46
CA ASN B 206 9.73 29.83 3.90
C ASN B 206 9.61 28.34 4.23
N VAL B 207 10.73 27.75 4.62
CA VAL B 207 10.84 26.32 4.86
C VAL B 207 10.92 26.12 6.36
N ASN B 208 10.11 25.20 6.87
CA ASN B 208 10.07 24.90 8.30
C ASN B 208 10.14 23.41 8.51
N HIS B 209 11.12 22.96 9.27
CA HIS B 209 11.29 21.56 9.66
C HIS B 209 11.19 21.48 11.20
N LYS B 210 10.00 21.16 11.70
CA LYS B 210 9.79 21.21 13.14
C LYS B 210 10.60 20.15 13.90
N PRO B 211 10.85 18.97 13.37
CA PRO B 211 11.65 18.00 14.13
C PRO B 211 13.03 18.50 14.54
N SER B 212 13.59 19.47 13.81
CA SER B 212 14.90 20.03 14.12
C SER B 212 14.86 21.52 14.44
N ASN B 213 13.68 22.14 14.53
CA ASN B 213 13.54 23.58 14.72
C ASN B 213 14.38 24.37 13.71
N THR B 214 14.24 24.01 12.45
CA THR B 214 14.94 24.69 11.36
C THR B 214 13.92 25.48 10.54
N LYS B 215 14.05 26.79 10.55
CA LYS B 215 13.25 27.65 9.70
C LYS B 215 14.22 28.41 8.82
N VAL B 216 13.94 28.44 7.53
CA VAL B 216 14.83 29.08 6.56
C VAL B 216 13.96 29.90 5.61
N ASP B 217 14.40 31.12 5.33
CA ASP B 217 13.83 31.97 4.29
C ASP B 217 14.94 32.25 3.28
N LYS B 218 14.79 31.74 2.06
CA LYS B 218 15.74 31.92 0.99
C LYS B 218 15.11 32.79 -0.11
N LYS B 219 15.82 33.84 -0.51
CA LYS B 219 15.39 34.70 -1.61
C LYS B 219 15.84 34.07 -2.92
N VAL B 220 14.94 34.09 -3.91
CA VAL B 220 15.19 33.47 -5.20
C VAL B 220 15.39 34.58 -6.23
N GLU B 221 16.63 34.75 -6.68
CA GLU B 221 16.99 35.75 -7.66
C GLU B 221 17.51 35.10 -8.94
N PRO B 222 17.34 35.75 -10.08
CA PRO B 222 18.01 35.28 -11.31
C PRO B 222 19.47 35.74 -11.35
N LYS B 223 20.19 35.20 -12.33
CA LYS B 223 21.62 35.48 -12.47
C LYS B 223 21.89 36.60 -13.48
N GLU C 1 -20.26 -37.12 -3.62
CA GLU C 1 -20.01 -36.58 -2.27
C GLU C 1 -19.16 -35.30 -2.36
N PRO C 2 -19.39 -34.35 -1.45
CA PRO C 2 -18.58 -33.12 -1.49
C PRO C 2 -17.15 -33.30 -1.00
N SER C 3 -16.26 -32.55 -1.64
CA SER C 3 -14.84 -32.53 -1.27
C SER C 3 -14.67 -31.89 0.09
N ASP C 4 -13.47 -32.08 0.66
CA ASP C 4 -13.11 -31.38 1.89
C ASP C 4 -13.33 -29.88 1.76
N LYS C 5 -12.90 -29.31 0.62
CA LYS C 5 -13.09 -27.89 0.40
C LYS C 5 -14.54 -27.50 0.62
N HIS C 6 -15.46 -28.24 -0.02
CA HIS C 6 -16.85 -27.81 -0.01
C HIS C 6 -17.51 -28.06 1.34
N ILE C 7 -17.06 -29.06 2.07
CA ILE C 7 -17.56 -29.24 3.42
C ILE C 7 -17.09 -28.08 4.29
N LYS C 8 -15.80 -27.74 4.18
CA LYS C 8 -15.24 -26.63 4.96
C LYS C 8 -15.94 -25.33 4.62
N GLU C 9 -16.28 -25.13 3.35
CA GLU C 9 -17.01 -23.92 2.99
C GLU C 9 -18.43 -23.95 3.50
N TYR C 10 -19.03 -25.14 3.57
CA TYR C 10 -20.36 -25.25 4.17
C TYR C 10 -20.30 -24.93 5.66
N LEU C 11 -19.37 -25.55 6.38
CA LEU C 11 -19.16 -25.17 7.77
C LEU C 11 -19.01 -23.67 7.91
N ASN C 12 -18.31 -23.04 6.97
CA ASN C 12 -18.14 -21.58 7.00
C ASN C 12 -19.48 -20.90 6.82
N LYS C 13 -20.30 -21.41 5.91
CA LYS C 13 -21.58 -20.80 5.65
C LYS C 13 -22.50 -20.89 6.86
N ILE C 14 -22.40 -21.96 7.63
CA ILE C 14 -23.37 -22.17 8.71
C ILE C 14 -22.71 -22.16 10.08
N GLN C 15 -21.62 -21.37 10.20
CA GLN C 15 -20.92 -21.36 11.46
C GLN C 15 -21.83 -20.83 12.56
N ASN C 16 -22.67 -19.83 12.29
CA ASN C 16 -23.51 -19.27 13.36
C ASN C 16 -24.46 -20.31 13.92
N SER C 17 -25.03 -21.14 13.03
CA SER C 17 -26.03 -22.14 13.38
C SER C 17 -25.46 -23.47 13.81
N LEU C 18 -24.18 -23.71 13.62
CA LEU C 18 -23.65 -25.06 13.83
C LEU C 18 -23.83 -25.49 15.28
N SER C 19 -24.24 -26.75 15.45
CA SER C 19 -24.73 -27.28 16.71
C SER C 19 -24.11 -28.65 16.97
N THR C 20 -24.46 -29.20 18.13
CA THR C 20 -24.34 -30.65 18.30
C THR C 20 -25.41 -31.41 17.51
N GLU C 21 -26.47 -30.74 17.07
CA GLU C 21 -27.49 -31.35 16.23
C GLU C 21 -27.02 -31.39 14.78
N TRP C 22 -27.42 -32.44 14.06
CA TRP C 22 -27.04 -32.56 12.66
C TRP C 22 -27.58 -31.37 11.87
N SER C 23 -26.74 -30.84 10.99
CA SER C 23 -27.15 -29.73 10.16
C SER C 23 -28.14 -30.16 9.09
N PRO C 24 -28.83 -29.22 8.48
CA PRO C 24 -29.51 -29.55 7.22
C PRO C 24 -28.55 -30.15 6.19
N CYS C 25 -29.07 -30.90 5.23
CA CYS C 25 -28.25 -31.29 4.11
C CYS C 25 -27.73 -30.04 3.42
N SER C 26 -26.48 -30.12 2.96
CA SER C 26 -25.90 -28.95 2.30
C SER C 26 -26.51 -28.67 0.92
N VAL C 27 -27.41 -29.51 0.40
CA VAL C 27 -28.00 -29.27 -0.92
C VAL C 27 -29.49 -29.60 -0.91
N THR C 28 -30.18 -29.10 -1.92
CA THR C 28 -31.57 -29.45 -2.19
C THR C 28 -31.70 -30.70 -3.04
N CYS C 29 -30.87 -30.83 -4.06
CA CYS C 29 -30.90 -31.94 -4.99
C CYS C 29 -29.54 -32.66 -5.00
N GLY C 30 -29.58 -33.94 -5.30
CA GLY C 30 -28.35 -34.69 -5.45
C GLY C 30 -27.77 -35.13 -4.13
N ASN C 31 -26.44 -35.30 -4.12
CA ASN C 31 -25.70 -35.73 -2.94
C ASN C 31 -25.03 -34.53 -2.27
N GLY C 32 -25.26 -34.38 -0.97
CA GLY C 32 -24.67 -33.30 -0.22
C GLY C 32 -24.02 -33.79 1.05
N ILE C 33 -23.78 -32.88 2.02
CA ILE C 33 -23.20 -33.24 3.30
C ILE C 33 -24.05 -32.73 4.45
N GLN C 34 -23.95 -33.42 5.56
CA GLN C 34 -24.48 -32.97 6.84
C GLN C 34 -23.34 -32.89 7.84
N VAL C 35 -23.37 -31.90 8.72
CA VAL C 35 -22.27 -31.72 9.67
C VAL C 35 -22.83 -31.49 11.06
N ARG C 36 -22.01 -31.79 12.06
CA ARG C 36 -22.33 -31.40 13.42
C ARG C 36 -21.05 -31.38 14.25
N ILE C 37 -21.10 -30.60 15.32
CA ILE C 37 -20.07 -30.69 16.35
C ILE C 37 -20.22 -32.02 17.08
N LYS C 38 -19.10 -32.72 17.24
CA LYS C 38 -19.07 -33.91 18.08
C LYS C 38 -19.64 -33.56 19.44
N PRO C 39 -20.62 -34.32 19.94
CA PRO C 39 -21.21 -33.96 21.26
C PRO C 39 -20.19 -33.85 22.37
N GLY C 40 -19.06 -34.57 22.28
CA GLY C 40 -18.03 -34.45 23.29
C GLY C 40 -17.33 -33.11 23.31
N SER C 41 -17.30 -32.42 22.17
CA SER C 41 -16.51 -31.21 22.01
C SER C 41 -17.36 -29.94 22.05
N ALA C 42 -18.57 -30.00 22.60
CA ALA C 42 -19.44 -28.84 22.58
C ALA C 42 -18.95 -27.71 23.48
N ASN C 43 -18.00 -27.97 24.38
CA ASN C 43 -17.51 -26.92 25.27
C ASN C 43 -16.59 -25.96 24.53
N LYS C 44 -15.96 -26.41 23.45
CA LYS C 44 -14.97 -25.60 22.77
C LYS C 44 -15.61 -24.37 22.13
N PRO C 45 -14.91 -23.24 22.10
CA PRO C 45 -15.42 -22.11 21.32
C PRO C 45 -15.33 -22.42 19.83
N LYS C 46 -16.36 -22.06 19.08
CA LYS C 46 -16.43 -22.38 17.68
C LYS C 46 -15.21 -22.12 16.83
N ASP C 47 -14.58 -20.98 17.01
CA ASP C 47 -13.45 -20.65 16.14
C ASP C 47 -12.26 -21.55 16.38
N GLU C 48 -12.29 -22.39 17.41
CA GLU C 48 -11.14 -23.21 17.72
C GLU C 48 -11.32 -24.68 17.40
N LEU C 49 -12.45 -25.06 16.81
CA LEU C 49 -12.74 -26.47 16.54
C LEU C 49 -11.75 -27.07 15.55
N ASP C 50 -11.21 -28.22 15.92
CA ASP C 50 -10.41 -29.04 15.01
C ASP C 50 -11.32 -29.73 14.01
N TYR C 51 -10.90 -29.81 12.75
CA TYR C 51 -11.78 -30.33 11.73
C TYR C 51 -11.90 -31.85 11.84
N ALA C 52 -10.81 -32.54 12.15
CA ALA C 52 -10.84 -34.00 12.22
C ALA C 52 -11.49 -34.52 13.51
N ASN C 53 -11.09 -33.98 14.66
CA ASN C 53 -11.43 -34.60 15.94
C ASN C 53 -12.65 -33.99 16.60
N ASP C 54 -13.17 -32.87 16.09
CA ASP C 54 -14.25 -32.19 16.78
C ASP C 54 -15.49 -32.01 15.92
N ILE C 55 -15.41 -32.28 14.63
CA ILE C 55 -16.58 -32.18 13.77
C ILE C 55 -16.83 -33.53 13.10
N GLU C 56 -18.10 -33.84 12.90
CA GLU C 56 -18.51 -35.08 12.27
C GLU C 56 -19.28 -34.75 11.01
N LYS C 57 -19.12 -35.58 9.98
CA LYS C 57 -19.79 -35.39 8.71
C LYS C 57 -20.41 -36.70 8.23
N LYS C 58 -21.47 -36.58 7.43
CA LYS C 58 -22.08 -37.73 6.79
C LYS C 58 -22.73 -37.29 5.48
N ILE C 59 -22.78 -38.20 4.51
CA ILE C 59 -23.42 -37.90 3.24
C ILE C 59 -24.94 -37.84 3.43
N CYS C 60 -25.60 -37.01 2.62
CA CYS C 60 -27.06 -36.98 2.55
C CYS C 60 -27.45 -37.12 1.10
N LYS C 61 -28.11 -38.22 0.75
CA LYS C 61 -28.63 -38.42 -0.59
C LYS C 61 -30.00 -37.77 -0.71
N MET C 62 -30.21 -37.02 -1.80
CA MET C 62 -31.47 -36.35 -2.06
C MET C 62 -31.94 -36.66 -3.48
N GLU C 63 -33.13 -36.14 -3.84
CA GLU C 63 -33.64 -36.27 -5.20
C GLU C 63 -32.56 -35.83 -6.19
N LYS C 64 -32.50 -36.49 -7.35
CA LYS C 64 -31.47 -36.14 -8.34
C LYS C 64 -31.85 -34.82 -9.05
#